data_5IAG
#
_entry.id   5IAG
#
_cell.length_a   69.040
_cell.length_b   85.104
_cell.length_c   96.273
_cell.angle_alpha   90.00
_cell.angle_beta   90.00
_cell.angle_gamma   90.00
#
_symmetry.space_group_name_H-M   'I 2 2 2'
#
loop_
_entity.id
_entity.type
_entity.pdbx_description
1 polymer Caspase-3
2 polymer ACE-ASP-GLU-VAL-ASK
3 polymer ASP-ASP-ASP-MET
4 water water
#
loop_
_entity_poly.entity_id
_entity_poly.type
_entity_poly.pdbx_seq_one_letter_code
_entity_poly.pdbx_strand_id
1 'polypeptide(L)'
;MENTENSVDSKSIKNLEPKIIHGSESMDSGISLDNSYKMDYPEMGLCIIINNKNFHKSTGMTSRSGTDVDAANLRETFRN
LKYEVRNKNDLTREEIVELMRDVSKEDHSKRSSFVCVLLSHGEEGIIFGTNGPVDLKKITNFFRGDRCRSLTGKPKLFII
QACRGTELDCGIETDSGVDDDMACHKIPVEADFLYAYSTAPGYYSWRNSKDGSWFIQSLCAMLKQYADKLEFMHILTRVN
RKVATEFESFSFDATFHAKKQIPCIQSMLTKELYFYH
;
A
2 'polypeptide(L)' (ACE)DEVD(0QE) B
3 'polypeptide(L)' DDDM D
#
loop_
_chem_comp.id
_chem_comp.type
_chem_comp.name
_chem_comp.formula
0QE non-polymer chloromethane 'C H3 Cl'
ACE non-polymer 'ACETYL GROUP' 'C2 H4 O'
#
# COMPACT_ATOMS: atom_id res chain seq x y z
N SER A 29 -5.15 -6.57 39.05
CA SER A 29 -6.14 -6.40 37.99
C SER A 29 -6.87 -7.72 37.70
N GLY A 30 -7.82 -7.67 36.78
CA GLY A 30 -8.51 -8.87 36.34
C GLY A 30 -7.90 -9.46 35.08
N ILE A 31 -8.57 -10.46 34.52
CA ILE A 31 -8.10 -11.17 33.32
C ILE A 31 -7.77 -10.22 32.17
N SER A 32 -6.63 -10.46 31.53
CA SER A 32 -6.19 -9.63 30.41
C SER A 32 -5.90 -10.48 29.16
N LEU A 33 -6.31 -9.99 27.99
CA LEU A 33 -6.03 -10.66 26.73
C LEU A 33 -5.15 -9.80 25.82
N ASP A 34 -4.35 -10.44 24.96
CA ASP A 34 -3.38 -9.72 24.13
C ASP A 34 -3.37 -10.18 22.67
N ASN A 35 -4.53 -10.19 22.04
CA ASN A 35 -4.62 -10.65 20.65
C ASN A 35 -4.59 -9.53 19.63
N SER A 36 -4.38 -8.29 20.11
CA SER A 36 -4.47 -7.10 19.26
C SER A 36 -3.25 -6.19 19.45
N TYR A 37 -2.74 -5.60 18.36
CA TYR A 37 -1.61 -4.68 18.47
C TYR A 37 -1.96 -3.48 19.34
N LYS A 38 -1.00 -3.01 20.12
CA LYS A 38 -1.19 -1.82 20.93
C LYS A 38 -1.19 -0.60 20.01
N MET A 39 -2.34 0.05 19.89
CA MET A 39 -2.48 1.19 18.97
C MET A 39 -2.77 2.47 19.75
N ASP A 40 -2.44 2.49 21.04
CA ASP A 40 -2.64 3.70 21.82
C ASP A 40 -1.31 4.35 22.26
N TYR A 41 -0.25 4.15 21.49
CA TYR A 41 0.94 4.99 21.67
C TYR A 41 0.52 6.44 21.40
N PRO A 42 1.37 7.42 21.77
CA PRO A 42 1.03 8.83 21.54
C PRO A 42 0.71 9.17 20.08
N GLU A 43 1.39 8.51 19.13
CA GLU A 43 1.14 8.78 17.71
C GLU A 43 0.74 7.50 16.99
N MET A 44 -0.18 7.59 16.03
CA MET A 44 -0.49 6.41 15.20
C MET A 44 0.75 6.00 14.39
N GLY A 45 1.54 6.98 13.96
CA GLY A 45 2.75 6.73 13.22
C GLY A 45 2.76 7.45 11.88
N LEU A 46 3.79 7.20 11.07
CA LEU A 46 3.91 7.81 9.74
C LEU A 46 3.13 7.07 8.66
N CYS A 47 2.68 7.82 7.67
CA CYS A 47 2.15 7.25 6.46
C CYS A 47 2.91 7.90 5.33
N ILE A 48 3.85 7.15 4.74
CA ILE A 48 4.63 7.66 3.62
C ILE A 48 3.92 7.31 2.31
N ILE A 49 3.65 8.32 1.49
CA ILE A 49 2.99 8.08 0.21
C ILE A 49 3.93 8.45 -0.92
N ILE A 50 4.38 7.46 -1.69
CA ILE A 50 5.24 7.72 -2.83
C ILE A 50 4.45 7.65 -4.12
N ASN A 51 4.30 8.78 -4.78
CA ASN A 51 3.43 8.91 -5.94
C ASN A 51 4.23 9.18 -7.20
N ASN A 52 4.43 8.16 -8.01
CA ASN A 52 5.19 8.36 -9.24
C ASN A 52 4.28 8.42 -10.47
N LYS A 53 4.25 9.58 -11.11
CA LYS A 53 3.35 9.84 -12.23
C LYS A 53 4.12 10.04 -13.54
N ASN A 54 5.21 10.80 -13.46
CA ASN A 54 6.01 11.14 -14.63
C ASN A 54 7.36 10.45 -14.60
N PHE A 55 7.65 9.74 -15.68
CA PHE A 55 8.88 8.95 -15.75
C PHE A 55 9.86 9.51 -16.78
N HIS A 56 11.15 9.37 -16.48
CA HIS A 56 12.19 9.79 -17.42
C HIS A 56 11.96 9.12 -18.76
N LYS A 57 11.98 9.93 -19.82
CA LYS A 57 11.79 9.49 -21.18
C LYS A 57 12.62 8.25 -21.52
N SER A 58 13.86 8.19 -21.00
CA SER A 58 14.76 7.10 -21.36
C SER A 58 14.28 5.72 -20.90
N THR A 59 13.44 5.68 -19.87
CA THR A 59 12.84 4.44 -19.38
C THR A 59 11.79 3.88 -20.34
N GLY A 60 11.09 4.79 -21.04
CA GLY A 60 10.04 4.37 -21.93
C GLY A 60 8.75 4.07 -21.20
N MET A 61 8.66 4.50 -19.96
CA MET A 61 7.43 4.32 -19.20
C MET A 61 6.47 5.50 -19.40
N THR A 62 5.19 5.20 -19.48
CA THR A 62 4.18 6.22 -19.75
C THR A 62 3.73 6.86 -18.45
N SER A 63 3.15 8.05 -18.55
CA SER A 63 2.65 8.76 -17.37
C SER A 63 1.43 8.07 -16.76
N ARG A 64 1.32 8.11 -15.44
CA ARG A 64 0.28 7.38 -14.73
C ARG A 64 -0.91 8.29 -14.37
N SER A 65 -1.68 8.73 -15.35
CA SER A 65 -2.72 9.70 -15.03
C SER A 65 -3.82 9.07 -14.15
N GLY A 66 -4.43 9.90 -13.31
CA GLY A 66 -5.32 9.42 -12.28
C GLY A 66 -4.62 9.20 -10.94
N THR A 67 -3.29 9.12 -10.94
CA THR A 67 -2.62 8.74 -9.69
C THR A 67 -2.63 9.88 -8.65
N ASP A 68 -2.71 11.13 -9.10
CA ASP A 68 -2.86 12.25 -8.17
C ASP A 68 -4.17 12.14 -7.38
N VAL A 69 -5.23 11.70 -8.06
CA VAL A 69 -6.48 11.40 -7.40
C VAL A 69 -6.27 10.41 -6.25
N ASP A 70 -5.53 9.35 -6.54
CA ASP A 70 -5.20 8.35 -5.52
C ASP A 70 -4.45 8.96 -4.34
N ALA A 71 -3.41 9.74 -4.62
CA ALA A 71 -2.53 10.25 -3.58
C ALA A 71 -3.28 11.18 -2.64
N ALA A 72 -4.22 11.95 -3.18
CA ALA A 72 -4.99 12.88 -2.35
C ALA A 72 -6.03 12.15 -1.54
N ASN A 73 -6.62 11.12 -2.13
CA ASN A 73 -7.55 10.25 -1.42
C ASN A 73 -6.87 9.60 -0.18
N LEU A 74 -5.71 9.00 -0.40
CA LEU A 74 -4.91 8.38 0.68
C LEU A 74 -4.50 9.38 1.73
N ARG A 75 -4.10 10.56 1.29
CA ARG A 75 -3.66 11.57 2.23
C ARG A 75 -4.80 11.90 3.19
N GLU A 76 -6.00 12.08 2.64
CA GLU A 76 -7.15 12.45 3.44
C GLU A 76 -7.58 11.30 4.32
N THR A 77 -7.62 10.12 3.72
CA THR A 77 -8.05 8.92 4.43
C THR A 77 -7.19 8.65 5.64
N PHE A 78 -5.88 8.66 5.44
CA PHE A 78 -4.98 8.36 6.56
C PHE A 78 -4.86 9.53 7.55
N ARG A 79 -5.00 10.77 7.08
CA ARG A 79 -5.10 11.92 7.98
C ARG A 79 -6.22 11.71 9.00
N ASN A 80 -7.36 11.22 8.54
CA ASN A 80 -8.49 10.99 9.42
C ASN A 80 -8.27 9.84 10.38
N LEU A 81 -7.31 8.97 10.07
CA LEU A 81 -6.94 7.89 10.98
C LEU A 81 -5.86 8.35 11.96
N LYS A 82 -5.45 9.61 11.82
CA LYS A 82 -4.48 10.25 12.70
C LYS A 82 -3.03 9.84 12.42
N TYR A 83 -2.75 9.46 11.18
CA TYR A 83 -1.37 9.29 10.72
C TYR A 83 -0.75 10.59 10.28
N GLU A 84 0.54 10.74 10.58
CA GLU A 84 1.33 11.84 10.05
C GLU A 84 1.69 11.47 8.63
N VAL A 85 1.00 12.07 7.66
CA VAL A 85 1.16 11.73 6.26
C VAL A 85 2.26 12.56 5.60
N ARG A 86 3.14 11.91 4.85
CA ARG A 86 4.13 12.60 4.04
C ARG A 86 3.94 12.18 2.59
N ASN A 87 3.51 13.10 1.74
CA ASN A 87 3.40 12.82 0.31
C ASN A 87 4.70 13.16 -0.42
N LYS A 88 5.17 12.23 -1.24
CA LYS A 88 6.38 12.45 -2.03
C LYS A 88 6.06 12.11 -3.47
N ASN A 89 6.43 13.01 -4.39
CA ASN A 89 6.04 12.87 -5.80
C ASN A 89 7.24 12.66 -6.71
N ASP A 90 7.11 11.74 -7.67
CA ASP A 90 8.09 11.59 -8.74
C ASP A 90 9.53 11.37 -8.25
N LEU A 91 9.75 10.29 -7.50
CA LEU A 91 11.07 10.00 -6.96
C LEU A 91 11.87 9.05 -7.87
N THR A 92 13.15 9.36 -8.05
CA THR A 92 14.08 8.42 -8.68
C THR A 92 14.26 7.17 -7.82
N ARG A 93 14.79 6.11 -8.42
CA ARG A 93 15.10 4.90 -7.66
C ARG A 93 16.03 5.22 -6.49
N GLU A 94 16.99 6.11 -6.69
CA GLU A 94 17.92 6.48 -5.63
C GLU A 94 17.20 7.22 -4.50
N GLU A 95 16.29 8.10 -4.86
CA GLU A 95 15.55 8.88 -3.88
C GLU A 95 14.59 8.00 -3.07
N ILE A 96 14.04 6.97 -3.72
CA ILE A 96 13.13 6.06 -3.04
C ILE A 96 13.88 5.34 -1.93
N VAL A 97 14.98 4.70 -2.30
CA VAL A 97 15.81 4.01 -1.33
C VAL A 97 16.30 4.92 -0.21
N GLU A 98 16.74 6.14 -0.56
CA GLU A 98 17.27 7.06 0.45
C GLU A 98 16.18 7.51 1.42
N LEU A 99 14.98 7.71 0.90
CA LEU A 99 13.85 8.10 1.74
C LEU A 99 13.51 7.00 2.76
N MET A 100 13.41 5.76 2.28
CA MET A 100 13.07 4.62 3.15
C MET A 100 14.15 4.36 4.17
N ARG A 101 15.41 4.43 3.74
CA ARG A 101 16.50 4.33 4.68
C ARG A 101 16.41 5.39 5.78
N ASP A 102 16.22 6.64 5.39
CA ASP A 102 16.14 7.73 6.39
C ASP A 102 14.93 7.56 7.32
N VAL A 103 13.81 7.14 6.76
CA VAL A 103 12.60 6.99 7.56
C VAL A 103 12.74 5.85 8.58
N SER A 104 13.29 4.74 8.12
CA SER A 104 13.59 3.59 8.99
C SER A 104 14.60 3.93 10.09
N LYS A 105 15.30 5.06 9.97
CA LYS A 105 16.32 5.44 10.94
C LYS A 105 15.79 6.48 11.93
N GLU A 106 14.56 6.94 11.71
CA GLU A 106 13.89 7.79 12.68
C GLU A 106 13.59 7.00 13.93
N ASP A 107 13.35 7.70 15.04
CA ASP A 107 12.91 7.08 16.27
C ASP A 107 11.39 6.93 16.24
N HIS A 108 10.93 5.68 16.20
CA HIS A 108 9.50 5.43 16.10
C HIS A 108 8.95 5.00 17.44
N SER A 109 9.70 5.27 18.50
CA SER A 109 9.35 4.80 19.84
C SER A 109 7.93 5.17 20.27
N LYS A 110 7.49 6.36 19.90
CA LYS A 110 6.20 6.87 20.35
C LYS A 110 5.07 6.61 19.35
N ARG A 111 5.34 5.81 18.33
CA ARG A 111 4.38 5.60 17.26
C ARG A 111 3.89 4.14 17.28
N SER A 112 2.62 3.92 16.96
CA SER A 112 2.01 2.59 17.07
C SER A 112 2.36 1.71 15.88
N SER A 113 2.56 2.33 14.73
CA SER A 113 2.65 1.58 13.50
C SER A 113 3.42 2.37 12.45
N PHE A 114 3.63 1.74 11.31
CA PHE A 114 4.21 2.41 10.16
C PHE A 114 3.44 2.04 8.89
N VAL A 115 3.20 3.02 8.03
CA VAL A 115 2.51 2.75 6.77
C VAL A 115 3.26 3.34 5.59
N CYS A 116 3.35 2.58 4.51
CA CYS A 116 4.00 3.05 3.30
C CYS A 116 3.14 2.72 2.09
N VAL A 117 2.81 3.71 1.29
CA VAL A 117 2.01 3.46 0.11
C VAL A 117 2.85 3.75 -1.13
N LEU A 118 2.91 2.75 -2.01
CA LEU A 118 3.65 2.88 -3.26
C LEU A 118 2.69 2.87 -4.44
N LEU A 119 2.79 3.93 -5.23
CA LEU A 119 1.96 4.15 -6.40
C LEU A 119 2.88 4.34 -7.59
N SER A 120 3.00 3.31 -8.44
CA SER A 120 3.92 3.39 -9.55
C SER A 120 3.73 2.26 -10.56
N HIS A 121 4.52 2.27 -11.62
CA HIS A 121 4.67 1.09 -12.46
C HIS A 121 5.37 0.02 -11.65
N GLY A 122 5.12 -1.25 -11.99
CA GLY A 122 5.83 -2.31 -11.31
C GLY A 122 5.84 -3.59 -12.12
N GLU A 123 6.52 -4.59 -11.59
CA GLU A 123 6.34 -5.95 -12.04
C GLU A 123 6.58 -6.78 -10.80
N GLU A 124 6.52 -8.11 -10.90
CA GLU A 124 6.59 -8.92 -9.69
C GLU A 124 7.86 -8.62 -8.91
N GLY A 125 7.68 -8.24 -7.65
CA GLY A 125 8.76 -7.94 -6.74
C GLY A 125 9.45 -6.59 -6.94
N ILE A 126 8.90 -5.78 -7.83
CA ILE A 126 9.59 -4.56 -8.24
C ILE A 126 8.67 -3.36 -8.29
N ILE A 127 9.18 -2.21 -7.86
CA ILE A 127 8.47 -0.95 -8.03
C ILE A 127 9.40 0.03 -8.76
N PHE A 128 8.86 0.83 -9.67
CA PHE A 128 9.72 1.73 -10.43
C PHE A 128 9.87 3.11 -9.83
N GLY A 129 11.11 3.56 -9.72
CA GLY A 129 11.39 4.97 -9.50
C GLY A 129 11.24 5.62 -10.87
N THR A 130 11.40 6.94 -10.93
CA THR A 130 11.22 7.64 -12.20
C THR A 130 12.27 7.27 -13.26
N ASN A 131 13.42 6.75 -12.82
CA ASN A 131 14.51 6.45 -13.75
C ASN A 131 14.89 4.97 -13.78
N GLY A 132 14.11 4.13 -13.10
CA GLY A 132 14.40 2.70 -13.10
C GLY A 132 13.85 1.95 -11.90
N PRO A 133 14.00 0.63 -11.92
CA PRO A 133 13.38 -0.25 -10.92
C PRO A 133 14.00 -0.21 -9.52
N VAL A 134 13.17 -0.54 -8.53
CA VAL A 134 13.63 -0.78 -7.17
C VAL A 134 13.05 -2.11 -6.70
N ASP A 135 13.89 -2.97 -6.12
CA ASP A 135 13.40 -4.23 -5.52
C ASP A 135 12.53 -3.94 -4.32
N LEU A 136 11.31 -4.48 -4.30
CA LEU A 136 10.45 -4.30 -3.12
C LEU A 136 11.13 -4.76 -1.84
N LYS A 137 11.90 -5.83 -1.93
CA LYS A 137 12.58 -6.39 -0.75
C LYS A 137 13.61 -5.43 -0.18
N LYS A 138 14.27 -4.66 -1.04
CA LYS A 138 15.25 -3.68 -0.59
C LYS A 138 14.59 -2.61 0.27
N ILE A 139 13.40 -2.19 -0.13
CA ILE A 139 12.63 -1.21 0.63
C ILE A 139 12.16 -1.73 1.99
N THR A 140 11.53 -2.91 1.99
CA THR A 140 10.96 -3.43 3.23
C THR A 140 12.03 -3.91 4.22
N ASN A 141 13.16 -4.37 3.71
CA ASN A 141 14.25 -4.80 4.57
C ASN A 141 14.70 -3.72 5.56
N PHE A 142 14.55 -2.44 5.20
CA PHE A 142 14.94 -1.34 6.09
C PHE A 142 14.16 -1.41 7.41
N PHE A 143 12.99 -2.05 7.35
CA PHE A 143 12.07 -2.05 8.48
C PHE A 143 11.99 -3.40 9.19
N ARG A 144 12.85 -4.33 8.79
CA ARG A 144 12.98 -5.63 9.45
C ARG A 144 13.13 -5.46 10.96
N GLY A 145 12.57 -6.40 11.70
CA GLY A 145 12.62 -6.36 13.16
C GLY A 145 14.00 -6.09 13.75
N ASP A 146 15.05 -6.52 13.06
CA ASP A 146 16.40 -6.31 13.60
C ASP A 146 17.07 -5.03 13.10
N ARG A 147 16.49 -4.36 12.11
CA ARG A 147 17.15 -3.18 11.54
C ARG A 147 16.45 -1.88 11.90
N CYS A 148 15.15 -1.96 12.23
CA CYS A 148 14.43 -0.83 12.74
C CYS A 148 13.87 -1.21 14.11
N ARG A 149 14.65 -1.00 15.17
CA ARG A 149 14.28 -1.49 16.50
CA ARG A 149 14.28 -1.49 16.50
C ARG A 149 13.05 -0.80 17.10
N SER A 150 12.84 0.47 16.76
CA SER A 150 11.69 1.17 17.34
C SER A 150 10.37 0.79 16.65
N LEU A 151 10.44 -0.04 15.61
CA LEU A 151 9.23 -0.61 15.04
C LEU A 151 9.11 -2.13 15.32
N THR A 152 10.06 -2.71 16.04
CA THR A 152 9.98 -4.14 16.37
C THR A 152 8.71 -4.47 17.14
N GLY A 153 7.95 -5.46 16.67
CA GLY A 153 6.70 -5.84 17.31
C GLY A 153 5.51 -4.95 16.98
N LYS A 154 5.73 -3.99 16.09
CA LYS A 154 4.67 -3.08 15.67
C LYS A 154 4.32 -3.35 14.21
N PRO A 155 3.07 -3.10 13.84
CA PRO A 155 2.63 -3.43 12.47
C PRO A 155 3.22 -2.49 11.41
N LYS A 156 3.76 -3.07 10.34
CA LYS A 156 4.40 -2.32 9.26
C LYS A 156 3.65 -2.65 7.99
N LEU A 157 2.92 -1.66 7.49
CA LEU A 157 1.96 -1.86 6.42
C LEU A 157 2.45 -1.29 5.11
N PHE A 158 2.55 -2.14 4.09
CA PHE A 158 2.95 -1.68 2.77
C PHE A 158 1.77 -1.87 1.80
N ILE A 159 1.34 -0.78 1.19
CA ILE A 159 0.20 -0.80 0.30
C ILE A 159 0.73 -0.50 -1.10
N ILE A 160 0.55 -1.44 -2.01
CA ILE A 160 1.25 -1.39 -3.29
C ILE A 160 0.31 -1.41 -4.47
N GLN A 161 0.17 -0.25 -5.10
CA GLN A 161 -0.59 -0.11 -6.33
C GLN A 161 0.40 -0.10 -7.48
N ALA A 162 0.56 -1.25 -8.10
CA ALA A 162 1.53 -1.41 -9.18
C ALA A 162 1.30 -2.76 -9.81
N CYS A 163 1.63 -2.90 -11.08
CA CYS A 163 1.52 -4.21 -11.74
C CYS A 163 2.42 -5.25 -11.08
N ARG A 164 2.05 -6.51 -11.22
CA ARG A 164 2.87 -7.63 -10.74
C ARG A 164 3.11 -8.60 -11.87
N GLY A 165 3.07 -8.08 -13.09
CA GLY A 165 3.24 -8.92 -14.27
C GLY A 165 2.29 -8.44 -15.36
N THR A 166 2.04 -9.29 -16.34
CA THR A 166 1.26 -8.88 -17.50
C THR A 166 0.05 -9.77 -17.77
N GLU A 167 -0.32 -10.60 -16.81
CA GLU A 167 -1.52 -11.41 -17.02
C GLU A 167 -2.79 -10.62 -16.82
N LEU A 168 -3.80 -10.98 -17.60
CA LEU A 168 -5.11 -10.33 -17.55
C LEU A 168 -6.16 -11.34 -17.06
N ASP A 169 -7.10 -10.87 -16.25
CA ASP A 169 -8.10 -11.77 -15.69
C ASP A 169 -9.41 -11.60 -16.47
N CYS A 170 -9.81 -12.65 -17.18
CA CYS A 170 -11.00 -12.56 -18.04
C CYS A 170 -12.31 -12.67 -17.25
N GLY A 171 -12.21 -13.14 -16.01
CA GLY A 171 -13.39 -13.27 -15.16
C GLY A 171 -14.30 -14.40 -15.60
N ILE A 172 -15.33 -14.64 -14.79
CA ILE A 172 -16.34 -15.66 -15.11
C ILE A 172 -17.69 -15.12 -14.65
N GLU A 173 -18.73 -15.35 -15.44
CA GLU A 173 -20.07 -14.92 -15.06
C GLU A 173 -20.58 -15.72 -13.87
N THR A 174 -21.41 -15.08 -13.05
CA THR A 174 -21.94 -15.70 -11.85
C THR A 174 -23.46 -15.75 -11.83
N HIS A 185 11.64 -15.59 23.16
CA HIS A 185 12.53 -14.48 23.47
C HIS A 185 12.97 -13.78 22.18
N LYS A 186 12.75 -14.42 21.05
CA LYS A 186 13.01 -13.78 19.76
C LYS A 186 11.77 -13.82 18.89
N ILE A 187 11.66 -12.85 17.98
CA ILE A 187 10.65 -12.94 16.92
C ILE A 187 11.34 -12.92 15.57
N PRO A 188 10.67 -13.50 14.55
CA PRO A 188 11.23 -13.50 13.20
C PRO A 188 11.42 -12.06 12.70
N VAL A 189 12.46 -11.80 11.93
CA VAL A 189 12.69 -10.44 11.46
C VAL A 189 11.65 -10.07 10.39
N GLU A 190 10.97 -11.08 9.83
CA GLU A 190 9.96 -10.80 8.80
C GLU A 190 8.55 -10.73 9.37
N ALA A 191 8.42 -10.83 10.69
CA ALA A 191 7.10 -10.77 11.33
C ALA A 191 6.60 -9.34 11.43
N ASP A 192 5.27 -9.22 11.50
CA ASP A 192 4.58 -7.95 11.73
C ASP A 192 4.62 -7.06 10.50
N PHE A 193 4.78 -7.67 9.33
CA PHE A 193 4.57 -7.01 8.04
C PHE A 193 3.21 -7.38 7.44
N LEU A 194 2.58 -6.41 6.79
CA LEU A 194 1.41 -6.70 5.98
C LEU A 194 1.59 -6.03 4.64
N TYR A 195 1.47 -6.82 3.57
CA TYR A 195 1.58 -6.31 2.21
C TYR A 195 0.19 -6.38 1.57
N ALA A 196 -0.41 -5.22 1.35
CA ALA A 196 -1.69 -5.13 0.70
C ALA A 196 -1.47 -4.85 -0.79
N TYR A 197 -1.39 -5.89 -1.59
CA TYR A 197 -1.19 -5.71 -3.03
C TYR A 197 -2.51 -5.42 -3.75
N SER A 198 -2.44 -4.56 -4.75
CA SER A 198 -3.60 -4.19 -5.54
C SER A 198 -4.14 -5.33 -6.42
N THR A 199 -3.28 -6.31 -6.69
CA THR A 199 -3.58 -7.33 -7.68
C THR A 199 -2.88 -8.66 -7.33
N ALA A 200 -3.37 -9.74 -7.94
CA ALA A 200 -2.79 -11.07 -7.74
C ALA A 200 -1.38 -11.18 -8.31
N PRO A 201 -0.55 -12.07 -7.77
CA PRO A 201 0.79 -12.27 -8.32
C PRO A 201 0.73 -12.60 -9.82
N GLY A 202 1.59 -11.97 -10.62
CA GLY A 202 1.63 -12.24 -12.04
C GLY A 202 0.72 -11.36 -12.89
N TYR A 203 -0.17 -10.60 -12.25
CA TYR A 203 -1.19 -9.85 -13.00
C TYR A 203 -0.98 -8.34 -13.11
N TYR A 204 -1.54 -7.77 -14.17
CA TYR A 204 -1.70 -6.34 -14.32
C TYR A 204 -2.53 -5.78 -13.17
N SER A 205 -2.31 -4.51 -12.86
CA SER A 205 -3.20 -3.78 -11.96
C SER A 205 -3.88 -2.68 -12.75
N TRP A 206 -5.16 -2.47 -12.48
CA TRP A 206 -5.95 -1.49 -13.25
C TRP A 206 -6.12 -0.13 -12.57
N ARG A 207 -6.04 0.90 -13.39
CA ARG A 207 -6.11 2.29 -12.94
C ARG A 207 -7.02 3.06 -13.89
N ASN A 208 -7.94 3.84 -13.36
CA ASN A 208 -8.77 4.69 -14.21
C ASN A 208 -8.28 6.14 -14.18
N SER A 209 -8.02 6.71 -15.35
CA SER A 209 -7.32 7.99 -15.43
C SER A 209 -8.14 9.15 -14.87
N LYS A 210 -9.43 8.92 -14.62
CA LYS A 210 -10.31 9.92 -14.03
C LYS A 210 -10.68 9.64 -12.57
N ASP A 211 -10.88 8.38 -12.23
CA ASP A 211 -11.35 7.99 -10.90
C ASP A 211 -10.23 7.50 -9.99
N GLY A 212 -9.06 7.23 -10.57
CA GLY A 212 -7.96 6.67 -9.81
C GLY A 212 -7.94 5.15 -9.93
N SER A 213 -6.95 4.52 -9.32
CA SER A 213 -6.81 3.07 -9.38
C SER A 213 -8.01 2.38 -8.71
N TRP A 214 -8.42 1.24 -9.24
CA TRP A 214 -9.54 0.48 -8.67
C TRP A 214 -9.29 0.16 -7.21
N PHE A 215 -8.06 -0.25 -6.93
CA PHE A 215 -7.69 -0.72 -5.60
C PHE A 215 -7.67 0.40 -4.57
N ILE A 216 -7.04 1.52 -4.93
CA ILE A 216 -6.91 2.60 -3.97
C ILE A 216 -8.26 3.30 -3.76
N GLN A 217 -9.04 3.47 -4.83
CA GLN A 217 -10.45 3.89 -4.70
C GLN A 217 -11.16 3.10 -3.62
N SER A 218 -11.11 1.78 -3.76
CA SER A 218 -11.83 0.88 -2.90
C SER A 218 -11.26 0.86 -1.48
N LEU A 219 -9.94 0.85 -1.38
CA LEU A 219 -9.26 0.89 -0.08
C LEU A 219 -9.73 2.08 0.77
N CYS A 220 -9.72 3.26 0.17
CA CYS A 220 -10.08 4.47 0.88
C CYS A 220 -11.54 4.47 1.29
N ALA A 221 -12.43 4.10 0.37
CA ALA A 221 -13.85 3.97 0.73
C ALA A 221 -14.07 3.02 1.92
N MET A 222 -13.40 1.87 1.93
CA MET A 222 -13.67 0.88 2.98
C MET A 222 -13.04 1.31 4.30
N LEU A 223 -11.92 2.02 4.23
CA LEU A 223 -11.29 2.56 5.42
C LEU A 223 -12.15 3.65 6.05
N LYS A 224 -12.70 4.52 5.20
CA LYS A 224 -13.63 5.56 5.65
CA LYS A 224 -13.62 5.56 5.66
C LYS A 224 -14.85 4.99 6.36
N GLN A 225 -15.42 3.94 5.78
CA GLN A 225 -16.65 3.35 6.29
C GLN A 225 -16.47 2.39 7.47
N TYR A 226 -15.34 1.69 7.52
CA TYR A 226 -15.20 0.62 8.52
C TYR A 226 -14.02 0.70 9.48
N ALA A 227 -13.16 1.71 9.35
CA ALA A 227 -11.96 1.77 10.20
C ALA A 227 -12.29 1.86 11.67
N ASP A 228 -13.49 2.32 12.00
CA ASP A 228 -13.85 2.49 13.40
C ASP A 228 -14.63 1.29 13.93
N LYS A 229 -14.79 0.27 13.08
CA LYS A 229 -15.66 -0.87 13.38
C LYS A 229 -14.99 -2.23 13.17
N LEU A 230 -14.27 -2.38 12.08
CA LEU A 230 -13.72 -3.68 11.66
C LEU A 230 -12.22 -3.80 11.89
N GLU A 231 -11.74 -5.04 12.08
CA GLU A 231 -10.32 -5.33 12.13
C GLU A 231 -9.78 -5.23 10.70
N PHE A 232 -8.51 -4.85 10.55
CA PHE A 232 -7.96 -4.46 9.25
C PHE A 232 -8.05 -5.56 8.18
N MET A 233 -7.83 -6.81 8.58
CA MET A 233 -7.97 -7.92 7.63
C MET A 233 -9.40 -7.96 7.07
N HIS A 234 -10.38 -7.72 7.93
CA HIS A 234 -11.77 -7.77 7.50
C HIS A 234 -12.09 -6.57 6.61
N ILE A 235 -11.45 -5.45 6.88
CA ILE A 235 -11.58 -4.29 5.99
C ILE A 235 -11.00 -4.61 4.60
N LEU A 236 -9.85 -5.28 4.57
CA LEU A 236 -9.18 -5.57 3.31
C LEU A 236 -9.92 -6.63 2.50
N THR A 237 -10.63 -7.50 3.19
CA THR A 237 -11.50 -8.47 2.53
C THR A 237 -12.68 -7.79 1.83
N ARG A 238 -13.28 -6.81 2.51
CA ARG A 238 -14.30 -5.96 1.89
C ARG A 238 -13.76 -5.22 0.66
N VAL A 239 -12.51 -4.78 0.75
CA VAL A 239 -11.82 -4.18 -0.39
C VAL A 239 -11.71 -5.19 -1.54
N ASN A 240 -11.30 -6.42 -1.19
CA ASN A 240 -11.27 -7.50 -2.19
C ASN A 240 -12.59 -7.67 -2.91
N ARG A 241 -13.68 -7.70 -2.15
CA ARG A 241 -14.98 -7.91 -2.75
C ARG A 241 -15.39 -6.76 -3.66
N LYS A 242 -15.08 -5.53 -3.24
CA LYS A 242 -15.46 -4.34 -3.98
C LYS A 242 -14.77 -4.32 -5.34
N VAL A 243 -13.46 -4.59 -5.33
CA VAL A 243 -12.67 -4.58 -6.54
C VAL A 243 -13.12 -5.71 -7.45
N ALA A 244 -13.38 -6.85 -6.86
CA ALA A 244 -13.77 -8.05 -7.61
C ALA A 244 -15.16 -7.90 -8.23
N THR A 245 -16.06 -7.23 -7.56
CA THR A 245 -17.44 -7.19 -8.04
C THR A 245 -17.84 -5.90 -8.78
N GLU A 246 -17.25 -4.76 -8.42
CA GLU A 246 -17.75 -3.50 -8.95
C GLU A 246 -16.94 -2.89 -10.11
N PHE A 247 -15.80 -3.49 -10.43
CA PHE A 247 -14.97 -2.99 -11.53
C PHE A 247 -14.80 -4.02 -12.63
N GLU A 248 -14.74 -3.54 -13.86
CA GLU A 248 -14.47 -4.37 -15.04
C GLU A 248 -13.98 -3.45 -16.14
N SER A 249 -12.90 -3.81 -16.82
CA SER A 249 -12.28 -2.85 -17.74
C SER A 249 -13.15 -2.61 -18.98
N PHE A 250 -13.06 -1.41 -19.53
CA PHE A 250 -13.66 -1.08 -20.80
C PHE A 250 -12.56 -0.59 -21.76
N SER A 251 -12.37 -1.29 -22.87
CA SER A 251 -11.32 -0.90 -23.82
C SER A 251 -11.75 -1.10 -25.27
N PHE A 252 -11.26 -0.24 -26.15
CA PHE A 252 -11.49 -0.42 -27.58
C PHE A 252 -10.61 -1.55 -28.09
N ASP A 253 -9.58 -1.89 -27.31
CA ASP A 253 -8.67 -2.98 -27.63
C ASP A 253 -9.16 -4.28 -27.00
N ALA A 254 -9.51 -5.26 -27.84
CA ALA A 254 -10.09 -6.53 -27.38
C ALA A 254 -9.21 -7.26 -26.37
N THR A 255 -7.89 -7.17 -26.52
CA THR A 255 -6.97 -7.79 -25.57
C THR A 255 -7.20 -7.30 -24.15
N PHE A 256 -7.62 -6.04 -24.00
CA PHE A 256 -7.68 -5.44 -22.66
C PHE A 256 -9.09 -5.13 -22.20
N HIS A 257 -10.08 -5.55 -22.98
CA HIS A 257 -11.48 -5.25 -22.68
C HIS A 257 -12.14 -6.29 -21.78
N ALA A 258 -12.96 -5.84 -20.84
CA ALA A 258 -13.77 -6.72 -20.00
C ALA A 258 -12.95 -7.58 -19.06
N LYS A 259 -11.87 -7.02 -18.54
CA LYS A 259 -11.00 -7.74 -17.62
C LYS A 259 -11.31 -7.41 -16.17
N LYS A 260 -10.90 -8.29 -15.26
CA LYS A 260 -11.27 -8.18 -13.86
C LYS A 260 -10.02 -8.14 -13.00
N GLN A 261 -10.20 -7.88 -11.71
CA GLN A 261 -9.06 -7.74 -10.82
C GLN A 261 -9.43 -8.19 -9.42
N ILE A 262 -8.51 -8.92 -8.78
CA ILE A 262 -8.68 -9.26 -7.37
C ILE A 262 -7.40 -8.90 -6.63
N PRO A 263 -7.50 -8.07 -5.58
CA PRO A 263 -6.30 -7.69 -4.85
C PRO A 263 -5.76 -8.87 -4.06
N CYS A 264 -4.61 -8.70 -3.42
CA CYS A 264 -3.99 -9.82 -2.75
C CYS A 264 -3.45 -9.37 -1.40
N ILE A 265 -4.02 -9.90 -0.32
CA ILE A 265 -3.54 -9.60 1.02
C ILE A 265 -2.45 -10.57 1.40
N GLN A 266 -1.28 -10.07 1.75
CA GLN A 266 -0.22 -10.94 2.21
C GLN A 266 0.13 -10.56 3.65
N SER A 267 -0.33 -11.35 4.61
CA SER A 267 -0.16 -10.96 6.00
C SER A 267 0.86 -11.81 6.75
N MET A 268 1.86 -11.13 7.31
CA MET A 268 2.75 -11.73 8.29
C MET A 268 2.52 -11.12 9.65
N LEU A 269 1.33 -10.60 9.87
CA LEU A 269 0.99 -10.03 11.17
C LEU A 269 0.81 -11.11 12.22
N THR A 270 0.98 -10.75 13.49
CA THR A 270 0.87 -11.71 14.58
C THR A 270 -0.25 -11.32 15.53
N LYS A 271 -0.85 -10.16 15.29
CA LYS A 271 -2.03 -9.78 16.06
C LYS A 271 -3.11 -9.17 15.18
N GLU A 272 -4.27 -8.95 15.76
CA GLU A 272 -5.32 -8.20 15.08
C GLU A 272 -4.99 -6.72 15.13
N LEU A 273 -5.31 -6.03 14.04
CA LEU A 273 -5.00 -4.62 13.89
C LEU A 273 -6.29 -3.80 13.83
N TYR A 274 -6.53 -2.99 14.86
CA TYR A 274 -7.65 -2.05 14.85
C TYR A 274 -7.10 -0.63 14.87
N PHE A 275 -7.68 0.25 14.07
CA PHE A 275 -7.20 1.62 13.99
C PHE A 275 -7.72 2.51 15.12
N TYR A 276 -8.63 1.98 15.92
CA TYR A 276 -9.11 2.67 17.11
C TYR A 276 -8.62 1.95 18.37
N HIS A 277 -8.89 2.52 19.54
CA HIS A 277 -8.52 1.85 20.80
C HIS A 277 -9.52 2.13 21.91
C ACE B 1 -9.43 4.66 -18.30
O ACE B 1 -8.47 4.97 -17.58
CH3 ACE B 1 -10.26 5.68 -19.01
N ASP B 2 -9.88 3.40 -18.39
CA ASP B 2 -9.17 2.28 -17.77
C ASP B 2 -7.84 2.03 -18.44
N GLU B 3 -6.78 1.94 -17.64
CA GLU B 3 -5.42 1.74 -18.12
C GLU B 3 -4.74 0.75 -17.19
N VAL B 4 -3.78 -0.02 -17.70
CA VAL B 4 -2.94 -0.85 -16.85
C VAL B 4 -1.65 -0.12 -16.47
N ASP B 5 -1.05 -0.51 -15.35
CA ASP B 5 0.08 0.19 -14.77
C ASP B 5 1.40 -0.42 -15.13
C1 0QE B 6 2.41 -0.73 -14.07
N ASP C 1 8.69 16.09 5.79
CA ASP C 1 8.94 16.68 4.48
C ASP C 1 7.83 16.29 3.51
N ASP C 2 7.14 17.30 2.98
CA ASP C 2 5.89 17.09 2.25
C ASP C 2 5.86 17.82 0.91
N ASP C 3 5.53 17.09 -0.17
CA ASP C 3 5.33 17.70 -1.50
C ASP C 3 3.87 18.04 -1.74
N MET C 4 2.98 17.51 -0.90
CA MET C 4 1.55 17.57 -1.19
C MET C 4 0.73 17.95 0.04
#